data_8ZXX
#
_entry.id   8ZXX
#
_cell.length_a   92.616
_cell.length_b   92.616
_cell.length_c   105.043
_cell.angle_alpha   90.00
_cell.angle_beta   90.00
_cell.angle_gamma   120.00
#
_symmetry.space_group_name_H-M   'P 31 2 1'
#
loop_
_entity.id
_entity.type
_entity.pdbx_description
1 polymer '1-deoxy-D-xylulose 5-phosphate reductoisomerase, apicoplastic'
2 non-polymer 'NADPH DIHYDRO-NICOTINAMIDE-ADENINE-DINUCLEOTIDE PHOSPHATE'
3 non-polymer 'MANGANESE (II) ION'
4 non-polymer '[(~{S})-(4-hexoxyphenyl)-[2-[methyl(oxidanyl)amino]-2-oxidanylidene-ethyl]sulfanyl-methyl]phosphonic acid'
5 non-polymer GLYCEROL
6 water water
#
_entity_poly.entity_id   1
_entity_poly.type   'polypeptide(L)'
_entity_poly.pdbx_seq_one_letter_code
;KKPINVAIFGSTGSIGTNALNIIRECNKIENVFNVKALYVNKSVNELYEQAREFLPEYLCIHDKSVYEELKELVKNIKDY
KPIILCGDEGMKEICSSNSIDKIVIGIDSFQGLYSTMYAIMNNKIVALANKESIVSAGFFLKKLLNIHKNAKIIPVDSEH
SAIFQCLDNNKVLKTKCLQDNFSKINNINKIFLCSSGGPFQNLTMDELKNVTSENALKHPKWKMGKKITIDSATMMNKGL
EVIETHFLFDVDYNDIEVIVHKECIIHSCVEFIDKSVISQMYYPDMQIPILYSLTWPDRIKTNLKPLDLAQVSTLTFHKP
SLEHFPCIKLAYQAGIKGNFYPTVLNASNEIANNLFLNNKIKYFDISSIISQVLESFNSQKVSENSEDLMKQILQIHSWA
KDKATDIYNKHNSS
;
_entity_poly.pdbx_strand_id   A
#
loop_
_chem_comp.id
_chem_comp.type
_chem_comp.name
_chem_comp.formula
A1L2H non-polymer '[(~{S})-(4-hexoxyphenyl)-[2-[methyl(oxidanyl)amino]-2-oxidanylidene-ethyl]sulfanyl-methyl]phosphonic acid' 'C16 H26 N O6 P S'
GOL non-polymer GLYCEROL 'C3 H8 O3'
MN non-polymer 'MANGANESE (II) ION' 'Mn 2'
NDP non-polymer 'NADPH DIHYDRO-NICOTINAMIDE-ADENINE-DINUCLEOTIDE PHOSPHATE' 'C21 H30 N7 O17 P3'
#
# COMPACT_ATOMS: atom_id res chain seq x y z
N LYS A 2 -12.96 24.28 -9.61
CA LYS A 2 -12.69 22.94 -10.18
C LYS A 2 -12.33 22.00 -9.02
N PRO A 3 -13.31 21.55 -8.20
CA PRO A 3 -13.01 20.69 -7.06
C PRO A 3 -12.62 19.31 -7.55
N ILE A 4 -11.81 18.61 -6.77
CA ILE A 4 -11.39 17.25 -7.09
C ILE A 4 -12.31 16.28 -6.37
N ASN A 5 -12.96 15.42 -7.15
CA ASN A 5 -13.97 14.51 -6.66
C ASN A 5 -13.29 13.20 -6.26
N VAL A 6 -13.31 12.86 -4.98
CA VAL A 6 -12.52 11.74 -4.48
C VAL A 6 -13.38 10.75 -3.71
N ALA A 7 -13.09 9.47 -3.90
CA ALA A 7 -13.63 8.38 -3.11
C ALA A 7 -12.54 7.89 -2.17
N ILE A 8 -12.91 7.53 -0.95
CA ILE A 8 -11.97 6.92 0.00
C ILE A 8 -12.41 5.51 0.31
N PHE A 9 -11.63 4.55 -0.18
CA PHE A 9 -11.85 3.13 0.06
C PHE A 9 -11.03 2.68 1.26
N GLY A 10 -11.66 2.10 2.26
CA GLY A 10 -11.04 1.81 3.52
C GLY A 10 -10.96 3.06 4.38
N SER A 11 -12.11 3.75 4.53
CA SER A 11 -12.12 5.10 5.07
C SER A 11 -11.95 5.13 6.59
N THR A 12 -12.20 4.01 7.27
CA THR A 12 -12.13 3.95 8.73
C THR A 12 -10.76 3.51 9.24
N GLY A 13 -9.84 3.08 8.34
CA GLY A 13 -8.53 2.63 8.76
C GLY A 13 -7.54 3.78 8.86
N SER A 14 -6.26 3.44 9.01
CA SER A 14 -5.20 4.41 9.21
C SER A 14 -5.10 5.30 7.99
N ILE A 15 -4.89 4.75 6.79
CA ILE A 15 -4.81 5.55 5.58
C ILE A 15 -6.08 6.37 5.39
N GLY A 16 -7.23 5.73 5.56
CA GLY A 16 -8.49 6.41 5.26
C GLY A 16 -8.73 7.61 6.19
N THR A 17 -8.42 7.43 7.45
CA THR A 17 -8.63 8.53 8.38
C THR A 17 -7.60 9.61 8.12
N ASN A 18 -6.33 9.28 7.84
CA ASN A 18 -5.37 10.29 7.46
C ASN A 18 -5.72 11.06 6.19
N ALA A 19 -6.33 10.37 5.22
CA ALA A 19 -6.77 11.03 4.00
C ALA A 19 -7.87 12.05 4.31
N LEU A 20 -8.84 11.62 5.09
CA LEU A 20 -9.91 12.56 5.47
C LEU A 20 -9.30 13.72 6.26
N ASN A 21 -8.29 13.50 7.10
CA ASN A 21 -7.69 14.62 7.84
C ASN A 21 -7.01 15.65 6.93
N ILE A 22 -6.16 15.26 5.94
CA ILE A 22 -5.48 16.24 5.11
C ILE A 22 -6.48 16.94 4.19
N ILE A 23 -7.51 16.22 3.75
CA ILE A 23 -8.60 16.79 2.97
C ILE A 23 -9.27 17.89 3.78
N ARG A 24 -9.69 17.56 5.01
CA ARG A 24 -10.37 18.52 5.90
C ARG A 24 -9.50 19.76 6.01
N GLU A 25 -8.22 19.59 6.35
CA GLU A 25 -7.32 20.71 6.56
C GLU A 25 -7.05 21.51 5.29
N CYS A 26 -6.98 20.81 4.16
CA CYS A 26 -6.68 21.42 2.88
C CYS A 26 -7.86 22.32 2.50
N ASN A 27 -9.09 21.86 2.79
CA ASN A 27 -10.31 22.56 2.41
C ASN A 27 -10.42 23.90 3.17
N LYS A 28 -9.94 23.97 4.42
CA LYS A 28 -9.97 25.22 5.16
C LYS A 28 -9.16 26.33 4.47
N ILE A 29 -8.05 25.96 3.81
CA ILE A 29 -7.24 26.95 3.10
C ILE A 29 -7.95 27.38 1.84
N GLU A 30 -8.55 26.43 1.11
CA GLU A 30 -9.49 26.72 0.03
C GLU A 30 -10.12 25.40 -0.42
N ASN A 31 -11.43 25.42 -0.76
CA ASN A 31 -12.23 24.22 -0.93
C ASN A 31 -11.94 23.48 -2.24
N VAL A 32 -10.95 22.58 -2.22
CA VAL A 32 -10.50 21.91 -3.44
C VAL A 32 -10.98 20.46 -3.53
N PHE A 33 -11.45 19.81 -2.46
CA PHE A 33 -11.86 18.41 -2.56
C PHE A 33 -13.33 18.20 -2.24
N ASN A 34 -14.04 17.37 -3.03
CA ASN A 34 -15.35 16.85 -2.70
C ASN A 34 -15.24 15.36 -2.38
N VAL A 35 -15.53 14.99 -1.15
CA VAL A 35 -15.56 13.60 -0.71
C VAL A 35 -16.88 12.98 -1.19
N LYS A 36 -16.79 12.23 -2.29
CA LYS A 36 -17.95 11.72 -3.00
C LYS A 36 -18.40 10.33 -2.55
N ALA A 37 -17.50 9.55 -1.93
CA ALA A 37 -17.83 8.19 -1.55
C ALA A 37 -16.91 7.70 -0.42
N LEU A 38 -17.46 6.86 0.45
CA LEU A 38 -16.76 6.23 1.56
C LEU A 38 -17.13 4.76 1.54
N TYR A 39 -16.15 3.85 1.70
CA TYR A 39 -16.35 2.43 1.67
C TYR A 39 -15.51 1.78 2.76
N VAL A 40 -16.14 0.89 3.53
CA VAL A 40 -15.49 0.17 4.61
C VAL A 40 -15.96 -1.29 4.57
N ASN A 41 -15.34 -2.12 5.41
CA ASN A 41 -15.71 -3.53 5.50
C ASN A 41 -16.89 -3.73 6.46
N LYS A 42 -16.67 -3.47 7.72
CA LYS A 42 -17.68 -3.74 8.74
C LYS A 42 -17.79 -2.66 9.81
N SER A 43 -17.03 -1.57 9.77
CA SER A 43 -17.03 -0.55 10.80
C SER A 43 -18.19 0.42 10.59
N VAL A 44 -19.40 -0.09 10.88
CA VAL A 44 -20.66 0.53 10.50
C VAL A 44 -20.89 1.80 11.33
N ASN A 45 -20.57 1.79 12.64
CA ASN A 45 -20.77 2.96 13.49
C ASN A 45 -19.83 4.08 13.07
N GLU A 46 -18.56 3.72 12.75
CA GLU A 46 -17.56 4.71 12.39
C GLU A 46 -17.86 5.31 11.02
N LEU A 47 -18.31 4.48 10.08
CA LEU A 47 -18.68 4.98 8.77
C LEU A 47 -19.88 5.94 8.89
N TYR A 48 -20.83 5.61 9.75
CA TYR A 48 -21.96 6.50 10.02
C TYR A 48 -21.48 7.86 10.50
N GLU A 49 -20.57 7.88 11.48
CA GLU A 49 -20.04 9.14 11.96
C GLU A 49 -19.34 9.93 10.83
N GLN A 50 -18.57 9.24 9.97
CA GLN A 50 -17.92 9.91 8.85
C GLN A 50 -18.96 10.47 7.87
N ALA A 51 -20.03 9.72 7.65
CA ALA A 51 -21.13 10.12 6.77
C ALA A 51 -21.75 11.42 7.30
N ARG A 52 -21.92 11.52 8.63
CA ARG A 52 -22.53 12.73 9.17
C ARG A 52 -21.63 13.93 8.92
N GLU A 53 -20.29 13.76 8.99
CA GLU A 53 -19.40 14.88 8.79
C GLU A 53 -19.27 15.26 7.32
N PHE A 54 -18.98 14.27 6.44
CA PHE A 54 -18.59 14.55 5.07
C PHE A 54 -19.76 14.55 4.10
N LEU A 55 -20.87 13.89 4.47
CA LEU A 55 -22.08 13.82 3.65
C LEU A 55 -21.76 13.43 2.22
N PRO A 56 -21.02 12.32 1.98
CA PRO A 56 -20.76 11.88 0.62
C PRO A 56 -22.03 11.46 -0.12
N GLU A 57 -22.00 11.56 -1.45
CA GLU A 57 -23.05 11.06 -2.31
C GLU A 57 -23.24 9.55 -2.12
N TYR A 58 -22.13 8.79 -1.95
CA TYR A 58 -22.20 7.35 -1.87
C TYR A 58 -21.62 6.85 -0.55
N LEU A 59 -22.26 5.78 -0.03
CA LEU A 59 -21.75 5.04 1.11
C LEU A 59 -21.77 3.58 0.75
N CYS A 60 -20.73 2.82 1.10
CA CYS A 60 -20.73 1.40 0.82
C CYS A 60 -20.11 0.64 1.98
N ILE A 61 -20.73 -0.50 2.34
CA ILE A 61 -20.18 -1.37 3.36
C ILE A 61 -20.06 -2.77 2.83
N HIS A 62 -18.90 -3.42 2.99
CA HIS A 62 -18.65 -4.67 2.30
C HIS A 62 -19.49 -5.80 2.91
N ASP A 63 -19.55 -5.83 4.25
CA ASP A 63 -20.19 -6.94 4.96
C ASP A 63 -21.73 -6.80 4.93
N LYS A 64 -22.36 -7.75 4.25
CA LYS A 64 -23.81 -7.76 4.07
C LYS A 64 -24.53 -7.74 5.41
N SER A 65 -23.92 -8.35 6.44
CA SER A 65 -24.58 -8.50 7.73
C SER A 65 -24.72 -7.18 8.47
N VAL A 66 -24.09 -6.08 8.00
CA VAL A 66 -24.30 -4.80 8.64
C VAL A 66 -24.87 -3.73 7.69
N TYR A 67 -25.32 -4.11 6.51
CA TYR A 67 -25.85 -3.17 5.54
C TYR A 67 -27.17 -2.52 5.98
N GLU A 68 -28.13 -3.36 6.44
CA GLU A 68 -29.36 -2.86 7.01
C GLU A 68 -29.09 -1.92 8.19
N GLU A 69 -28.21 -2.32 9.12
CA GLU A 69 -27.83 -1.45 10.22
C GLU A 69 -27.34 -0.10 9.69
N LEU A 70 -26.48 -0.11 8.65
CA LEU A 70 -25.96 1.16 8.14
C LEU A 70 -27.10 2.09 7.69
N LYS A 71 -28.00 1.56 6.87
CA LYS A 71 -29.16 2.31 6.39
C LYS A 71 -29.95 2.89 7.56
N GLU A 72 -30.13 2.08 8.60
CA GLU A 72 -30.96 2.52 9.73
C GLU A 72 -30.27 3.68 10.42
N LEU A 73 -28.94 3.60 10.60
CA LEU A 73 -28.21 4.68 11.23
C LEU A 73 -28.30 5.97 10.42
N VAL A 74 -28.11 5.87 9.09
CA VAL A 74 -27.95 7.05 8.25
C VAL A 74 -29.30 7.78 8.13
N LYS A 75 -30.40 7.06 8.37
CA LYS A 75 -31.71 7.68 8.50
C LYS A 75 -31.73 8.82 9.51
N ASN A 76 -30.84 8.77 10.52
CA ASN A 76 -30.78 9.76 11.58
C ASN A 76 -30.10 11.04 11.17
N ILE A 77 -29.52 11.08 9.95
CA ILE A 77 -28.90 12.29 9.46
C ILE A 77 -29.92 13.03 8.61
N LYS A 78 -30.40 14.19 9.09
CA LYS A 78 -31.46 14.90 8.39
C LYS A 78 -30.94 15.54 7.11
N ASP A 79 -31.82 15.61 6.09
CA ASP A 79 -31.59 16.38 4.87
C ASP A 79 -30.48 15.72 4.06
N TYR A 80 -30.35 14.40 4.20
CA TYR A 80 -29.25 13.66 3.61
C TYR A 80 -29.80 12.38 3.03
N LYS A 81 -29.68 12.24 1.69
CA LYS A 81 -30.20 11.06 1.02
C LYS A 81 -29.14 10.47 0.11
N PRO A 82 -28.10 9.86 0.72
CA PRO A 82 -27.05 9.22 -0.09
C PRO A 82 -27.52 7.93 -0.74
N ILE A 83 -26.74 7.47 -1.71
CA ILE A 83 -26.85 6.15 -2.27
C ILE A 83 -26.06 5.20 -1.35
N ILE A 84 -26.73 4.17 -0.82
CA ILE A 84 -26.16 3.30 0.19
C ILE A 84 -26.08 1.89 -0.35
N LEU A 85 -24.84 1.41 -0.54
CA LEU A 85 -24.58 0.19 -1.27
C LEU A 85 -23.85 -0.83 -0.40
N CYS A 86 -23.72 -2.04 -0.94
CA CYS A 86 -23.07 -3.13 -0.23
C CYS A 86 -22.22 -4.01 -1.14
N GLY A 87 -21.06 -4.43 -0.61
CA GLY A 87 -20.25 -5.50 -1.17
C GLY A 87 -19.55 -5.12 -2.48
N ASP A 88 -19.13 -6.15 -3.20
CA ASP A 88 -18.49 -6.04 -4.50
C ASP A 88 -19.34 -5.22 -5.47
N GLU A 89 -20.68 -5.46 -5.53
CA GLU A 89 -21.49 -4.75 -6.50
C GLU A 89 -21.52 -3.25 -6.20
N GLY A 90 -21.56 -2.90 -4.89
CA GLY A 90 -21.52 -1.52 -4.48
C GLY A 90 -20.20 -0.83 -4.87
N MET A 91 -19.10 -1.52 -4.65
CA MET A 91 -17.77 -1.00 -4.99
C MET A 91 -17.72 -0.73 -6.50
N LYS A 92 -18.23 -1.68 -7.30
CA LYS A 92 -18.22 -1.53 -8.75
C LYS A 92 -19.05 -0.33 -9.21
N GLU A 93 -20.20 -0.11 -8.55
CA GLU A 93 -21.04 1.01 -8.90
C GLU A 93 -20.35 2.34 -8.61
N ILE A 94 -19.67 2.46 -7.46
CA ILE A 94 -18.92 3.66 -7.16
C ILE A 94 -17.81 3.86 -8.20
N CYS A 95 -17.06 2.81 -8.52
CA CYS A 95 -15.95 2.98 -9.46
C CYS A 95 -16.41 3.42 -10.84
N SER A 96 -17.65 3.05 -11.24
CA SER A 96 -18.14 3.44 -12.56
C SER A 96 -18.87 4.78 -12.55
N SER A 97 -18.95 5.46 -11.40
CA SER A 97 -19.59 6.77 -11.37
C SER A 97 -18.76 7.85 -12.09
N ASN A 98 -19.38 8.61 -12.99
CA ASN A 98 -18.72 9.71 -13.67
C ASN A 98 -18.49 10.89 -12.73
N SER A 99 -19.03 10.84 -11.52
CA SER A 99 -18.84 11.92 -10.57
C SER A 99 -17.56 11.74 -9.75
N ILE A 100 -16.83 10.62 -9.94
CA ILE A 100 -15.62 10.34 -9.17
C ILE A 100 -14.43 10.37 -10.11
N ASP A 101 -13.42 11.14 -9.72
CA ASP A 101 -12.21 11.35 -10.52
C ASP A 101 -11.01 10.53 -9.97
N LYS A 102 -10.89 10.44 -8.64
CA LYS A 102 -9.73 9.86 -7.96
C LYS A 102 -10.21 8.98 -6.82
N ILE A 103 -9.56 7.83 -6.66
CA ILE A 103 -9.94 6.89 -5.63
C ILE A 103 -8.71 6.58 -4.79
N VAL A 104 -8.79 6.84 -3.50
CA VAL A 104 -7.78 6.44 -2.55
C VAL A 104 -8.06 5.02 -2.10
N ILE A 105 -7.11 4.13 -2.34
CA ILE A 105 -7.21 2.73 -1.95
C ILE A 105 -6.43 2.52 -0.67
N GLY A 106 -7.16 2.53 0.44
CA GLY A 106 -6.66 2.28 1.77
C GLY A 106 -7.21 1.01 2.42
N ILE A 107 -7.56 0.05 1.56
CA ILE A 107 -7.96 -1.28 1.98
C ILE A 107 -6.69 -2.09 2.16
N ASP A 108 -6.58 -2.92 3.19
CA ASP A 108 -5.40 -3.72 3.44
C ASP A 108 -5.40 -5.03 2.67
N SER A 109 -4.22 -5.62 2.56
CA SER A 109 -4.03 -7.01 2.17
C SER A 109 -4.38 -7.24 0.70
N PHE A 110 -4.31 -8.51 0.27
CA PHE A 110 -4.63 -8.90 -1.08
C PHE A 110 -6.02 -8.42 -1.49
N GLN A 111 -6.94 -8.35 -0.54
CA GLN A 111 -8.29 -7.85 -0.77
C GLN A 111 -8.32 -6.51 -1.48
N GLY A 112 -7.31 -5.65 -1.27
CA GLY A 112 -7.32 -4.36 -1.93
C GLY A 112 -7.13 -4.44 -3.44
N LEU A 113 -6.69 -5.59 -3.96
CA LEU A 113 -6.54 -5.75 -5.40
C LEU A 113 -7.87 -5.57 -6.16
N TYR A 114 -8.97 -6.04 -5.56
CA TYR A 114 -10.24 -6.04 -6.30
C TYR A 114 -10.69 -4.64 -6.69
N SER A 115 -10.76 -3.74 -5.72
CA SER A 115 -11.12 -2.36 -6.00
C SER A 115 -10.06 -1.66 -6.86
N THR A 116 -8.76 -1.98 -6.67
CA THR A 116 -7.70 -1.42 -7.50
C THR A 116 -7.99 -1.71 -8.97
N MET A 117 -8.26 -3.00 -9.26
CA MET A 117 -8.54 -3.44 -10.60
C MET A 117 -9.74 -2.70 -11.17
N TYR A 118 -10.82 -2.61 -10.41
CA TYR A 118 -12.04 -2.01 -10.95
C TYR A 118 -11.87 -0.51 -11.11
N ALA A 119 -11.04 0.13 -10.27
CA ALA A 119 -10.80 1.55 -10.45
C ALA A 119 -10.04 1.78 -11.75
N ILE A 120 -9.04 0.93 -12.06
CA ILE A 120 -8.31 1.03 -13.32
C ILE A 120 -9.23 0.77 -14.54
N MET A 121 -10.06 -0.25 -14.41
CA MET A 121 -11.00 -0.60 -15.50
C MET A 121 -11.94 0.55 -15.81
N ASN A 122 -12.20 1.43 -14.85
CA ASN A 122 -13.03 2.62 -15.03
C ASN A 122 -12.22 3.87 -15.32
N ASN A 123 -10.92 3.71 -15.63
CA ASN A 123 -10.11 4.80 -16.15
C ASN A 123 -9.95 5.90 -15.11
N LYS A 124 -9.84 5.51 -13.82
CA LYS A 124 -9.69 6.48 -12.75
C LYS A 124 -8.23 6.70 -12.37
N ILE A 125 -7.99 7.82 -11.68
CA ILE A 125 -6.73 8.03 -10.97
C ILE A 125 -6.83 7.28 -9.65
N VAL A 126 -5.89 6.34 -9.44
CA VAL A 126 -5.91 5.44 -8.30
C VAL A 126 -4.74 5.83 -7.40
N ALA A 127 -5.08 6.46 -6.28
CA ALA A 127 -4.12 6.89 -5.27
C ALA A 127 -3.94 5.69 -4.35
N LEU A 128 -2.94 4.88 -4.69
CA LEU A 128 -2.82 3.52 -4.22
C LEU A 128 -1.88 3.42 -3.04
N ALA A 129 -2.41 3.18 -1.85
CA ALA A 129 -1.60 2.90 -0.68
C ALA A 129 -1.32 1.42 -0.54
N ASN A 130 -2.31 0.60 -0.96
CA ASN A 130 -2.23 -0.85 -0.83
C ASN A 130 -1.10 -1.36 -1.70
N LYS A 131 -0.14 -2.02 -1.12
CA LYS A 131 1.02 -2.53 -1.84
C LYS A 131 0.85 -4.02 -2.15
N GLU A 132 0.05 -4.74 -1.40
CA GLU A 132 -0.12 -6.17 -1.61
C GLU A 132 -0.69 -6.43 -3.01
N SER A 133 -1.53 -5.53 -3.50
CA SER A 133 -2.05 -5.63 -4.86
C SER A 133 -0.94 -5.66 -5.89
N ILE A 134 0.01 -4.70 -5.79
CA ILE A 134 1.10 -4.59 -6.74
C ILE A 134 2.01 -5.80 -6.61
N VAL A 135 2.35 -6.23 -5.40
CA VAL A 135 3.22 -7.39 -5.22
C VAL A 135 2.59 -8.63 -5.84
N SER A 136 1.32 -8.84 -5.58
CA SER A 136 0.65 -10.10 -5.94
C SER A 136 0.29 -10.12 -7.41
N ALA A 137 0.09 -8.98 -8.04
CA ALA A 137 -0.54 -8.93 -9.34
C ALA A 137 0.09 -7.89 -10.25
N GLY A 138 1.36 -7.58 -10.06
CA GLY A 138 2.01 -6.51 -10.80
C GLY A 138 1.90 -6.64 -12.31
N PHE A 139 2.23 -7.82 -12.84
CA PHE A 139 2.20 -8.01 -14.28
C PHE A 139 0.77 -7.88 -14.81
N PHE A 140 -0.20 -8.41 -14.11
CA PHE A 140 -1.60 -8.23 -14.41
C PHE A 140 -1.99 -6.75 -14.46
N LEU A 141 -1.63 -6.00 -13.42
CA LEU A 141 -1.98 -4.60 -13.38
C LEU A 141 -1.34 -3.83 -14.53
N LYS A 142 -0.12 -4.17 -14.88
CA LYS A 142 0.55 -3.56 -16.01
C LYS A 142 -0.24 -3.77 -17.31
N LYS A 143 -0.71 -5.01 -17.50
CA LYS A 143 -1.51 -5.31 -18.70
C LYS A 143 -2.80 -4.49 -18.70
N LEU A 144 -3.45 -4.40 -17.55
CA LEU A 144 -4.68 -3.64 -17.42
C LEU A 144 -4.43 -2.17 -17.73
N LEU A 145 -3.35 -1.60 -17.15
CA LEU A 145 -2.99 -0.21 -17.40
C LEU A 145 -2.61 0.05 -18.86
N ASN A 146 -2.06 -0.96 -19.55
CA ASN A 146 -1.80 -0.80 -20.96
C ASN A 146 -3.10 -0.60 -21.75
N ILE A 147 -4.19 -1.28 -21.37
CA ILE A 147 -5.48 -1.22 -22.04
C ILE A 147 -6.20 0.07 -21.67
N HIS A 148 -6.18 0.45 -20.37
CA HIS A 148 -6.96 1.56 -19.86
C HIS A 148 -6.06 2.79 -19.84
N LYS A 149 -6.00 3.48 -20.98
CA LYS A 149 -5.00 4.51 -21.24
C LYS A 149 -5.07 5.61 -20.20
N ASN A 150 -6.27 6.02 -19.77
CA ASN A 150 -6.40 7.18 -18.90
C ASN A 150 -6.34 6.78 -17.42
N ALA A 151 -6.35 5.48 -17.12
CA ALA A 151 -6.12 5.05 -15.75
C ALA A 151 -4.67 5.30 -15.36
N LYS A 152 -4.46 5.69 -14.10
CA LYS A 152 -3.12 5.88 -13.59
C LYS A 152 -3.07 5.43 -12.15
N ILE A 153 -2.01 4.73 -11.77
CA ILE A 153 -1.66 4.56 -10.37
C ILE A 153 -0.73 5.68 -9.95
N ILE A 154 -1.08 6.39 -8.90
CA ILE A 154 -0.22 7.38 -8.29
C ILE A 154 0.11 6.84 -6.91
N PRO A 155 1.41 6.53 -6.62
CA PRO A 155 1.72 5.82 -5.39
C PRO A 155 1.52 6.67 -4.14
N VAL A 156 0.92 6.06 -3.12
CA VAL A 156 0.74 6.66 -1.81
C VAL A 156 1.69 6.08 -0.76
N ASP A 157 2.12 4.83 -0.90
CA ASP A 157 3.09 4.29 0.03
C ASP A 157 4.24 5.28 0.11
N SER A 158 4.72 5.59 1.34
CA SER A 158 5.50 6.82 1.53
C SER A 158 6.80 6.85 0.72
N GLU A 159 7.48 5.72 0.63
CA GLU A 159 8.76 5.64 -0.08
C GLU A 159 8.55 5.78 -1.56
N HIS A 160 7.45 5.21 -2.07
CA HIS A 160 7.13 5.25 -3.49
C HIS A 160 6.57 6.61 -3.93
N SER A 161 5.86 7.26 -3.01
CA SER A 161 5.52 8.66 -3.19
C SER A 161 6.78 9.51 -3.27
N ALA A 162 7.74 9.25 -2.36
CA ALA A 162 9.00 9.98 -2.38
C ALA A 162 9.71 9.83 -3.72
N ILE A 163 9.87 8.56 -4.17
CA ILE A 163 10.50 8.29 -5.45
C ILE A 163 9.82 9.07 -6.54
N PHE A 164 8.47 8.97 -6.59
CA PHE A 164 7.70 9.63 -7.63
C PHE A 164 7.91 11.13 -7.59
N GLN A 165 7.93 11.72 -6.39
CA GLN A 165 8.17 13.14 -6.23
C GLN A 165 9.55 13.54 -6.70
N CYS A 166 10.52 12.65 -6.68
CA CYS A 166 11.89 12.94 -7.11
C CYS A 166 12.05 12.96 -8.63
N LEU A 167 11.01 12.62 -9.37
CA LEU A 167 11.07 12.48 -10.81
C LEU A 167 10.68 13.79 -11.44
N ASP A 168 11.12 13.98 -12.66
CA ASP A 168 10.82 15.17 -13.41
C ASP A 168 9.53 14.90 -14.17
N ASN A 169 8.50 15.69 -13.86
CA ASN A 169 7.18 15.46 -14.44
C ASN A 169 7.19 15.67 -15.95
N ASN A 170 8.16 16.43 -16.46
CA ASN A 170 8.34 16.59 -17.90
C ASN A 170 8.53 15.21 -18.53
N LYS A 171 9.23 14.30 -17.84
CA LYS A 171 9.44 12.93 -18.31
C LYS A 171 8.32 11.99 -17.88
N VAL A 172 7.82 12.12 -16.64
CA VAL A 172 6.75 11.26 -16.16
C VAL A 172 5.56 11.33 -17.09
N LEU A 173 5.25 12.54 -17.56
CA LEU A 173 4.02 12.75 -18.33
C LEU A 173 4.10 12.05 -19.70
N LYS A 174 5.25 11.56 -20.13
CA LYS A 174 5.40 10.80 -21.35
C LYS A 174 5.02 9.34 -21.13
N THR A 175 4.81 8.92 -19.87
CA THR A 175 4.50 7.55 -19.55
C THR A 175 3.54 7.57 -18.34
N LYS A 176 3.62 6.56 -17.47
CA LYS A 176 2.87 6.51 -16.22
C LYS A 176 3.44 5.32 -15.43
N CYS A 177 3.15 5.29 -14.13
CA CYS A 177 3.69 4.22 -13.31
C CYS A 177 3.20 2.85 -13.75
N LEU A 178 4.01 1.85 -13.45
CA LEU A 178 3.67 0.46 -13.63
C LEU A 178 3.56 0.20 -15.14
N GLN A 179 4.58 0.62 -15.89
CA GLN A 179 4.69 0.52 -17.34
C GLN A 179 6.10 0.13 -17.73
N ASP A 180 6.22 -0.70 -18.76
CA ASP A 180 7.50 -1.00 -19.36
C ASP A 180 8.18 0.28 -19.80
N ASN A 181 9.49 0.29 -19.61
CA ASN A 181 10.39 1.35 -20.06
C ASN A 181 10.36 2.58 -19.15
N PHE A 182 9.61 2.56 -18.06
CA PHE A 182 9.49 3.73 -17.19
C PHE A 182 10.84 4.24 -16.73
N SER A 183 11.75 3.35 -16.35
CA SER A 183 13.04 3.79 -15.86
C SER A 183 13.88 4.42 -16.96
N LYS A 184 13.79 3.92 -18.19
CA LYS A 184 14.54 4.46 -19.30
C LYS A 184 14.07 5.86 -19.61
N ILE A 185 12.75 6.07 -19.67
CA ILE A 185 12.17 7.35 -19.99
C ILE A 185 12.58 8.39 -18.94
N ASN A 186 12.64 7.94 -17.67
CA ASN A 186 12.89 8.82 -16.54
C ASN A 186 14.38 8.87 -16.21
N ASN A 187 15.24 8.17 -16.91
CA ASN A 187 16.67 8.21 -16.68
C ASN A 187 17.02 7.71 -15.27
N ILE A 188 16.26 6.75 -14.76
CA ILE A 188 16.50 6.18 -13.44
C ILE A 188 17.54 5.12 -13.51
N ASN A 189 18.57 5.17 -12.66
CA ASN A 189 19.58 4.13 -12.58
C ASN A 189 19.40 3.20 -11.42
N LYS A 190 19.04 3.72 -10.23
CA LYS A 190 19.03 2.93 -9.00
C LYS A 190 18.16 3.65 -7.97
N ILE A 191 17.61 2.89 -7.04
CA ILE A 191 16.75 3.39 -5.97
C ILE A 191 17.36 3.05 -4.63
N PHE A 192 17.39 4.04 -3.73
CA PHE A 192 17.60 3.84 -2.33
C PHE A 192 16.24 3.83 -1.65
N LEU A 193 15.85 2.65 -1.15
CA LEU A 193 14.56 2.45 -0.50
C LEU A 193 14.80 2.53 1.00
N CYS A 194 14.40 3.64 1.59
CA CYS A 194 14.62 3.86 2.99
C CYS A 194 13.62 3.10 3.84
N SER A 195 14.08 2.73 5.06
CA SER A 195 13.24 2.05 6.04
C SER A 195 13.45 2.62 7.42
N SER A 196 12.38 2.63 8.21
CA SER A 196 12.48 2.98 9.60
C SER A 196 13.30 1.98 10.39
N GLY A 197 13.34 0.73 9.92
CA GLY A 197 13.92 -0.39 10.60
C GLY A 197 13.03 -1.09 11.60
N GLY A 198 11.94 -0.45 11.99
CA GLY A 198 10.98 -1.09 12.88
C GLY A 198 11.45 -1.15 14.32
N PRO A 199 10.58 -1.67 15.22
CA PRO A 199 10.87 -1.62 16.66
C PRO A 199 11.92 -2.63 17.10
N PHE A 200 12.27 -3.60 16.23
CA PHE A 200 13.19 -4.65 16.60
C PHE A 200 14.60 -4.44 16.07
N GLN A 201 14.84 -3.25 15.46
CA GLN A 201 16.04 -3.03 14.69
C GLN A 201 17.32 -3.21 15.49
N ASN A 202 17.31 -2.95 16.81
CA ASN A 202 18.52 -3.01 17.61
C ASN A 202 18.61 -4.24 18.50
N LEU A 203 17.74 -5.22 18.29
CA LEU A 203 17.70 -6.40 19.16
C LEU A 203 18.74 -7.41 18.68
N THR A 204 19.23 -8.23 19.61
CA THR A 204 20.11 -9.35 19.29
C THR A 204 19.28 -10.52 18.75
N MET A 205 19.98 -11.47 18.14
CA MET A 205 19.36 -12.72 17.73
C MET A 205 18.64 -13.41 18.90
N ASP A 206 19.26 -13.46 20.07
CA ASP A 206 18.64 -14.06 21.25
C ASP A 206 17.37 -13.34 21.65
N GLU A 207 17.38 -12.00 21.56
CA GLU A 207 16.19 -11.24 21.87
C GLU A 207 15.09 -11.47 20.83
N LEU A 208 15.45 -11.45 19.52
CA LEU A 208 14.48 -11.67 18.46
C LEU A 208 13.75 -12.99 18.59
N LYS A 209 14.45 -14.02 19.07
CA LYS A 209 13.83 -15.33 19.14
C LYS A 209 12.50 -15.22 19.89
N ASN A 210 12.45 -14.36 20.93
CA ASN A 210 11.35 -14.34 21.87
C ASN A 210 10.46 -13.09 21.84
N VAL A 211 10.64 -12.23 20.83
CA VAL A 211 9.78 -11.05 20.70
C VAL A 211 8.33 -11.46 20.47
N THR A 212 7.40 -10.57 20.85
CA THR A 212 5.98 -10.80 20.74
C THR A 212 5.34 -9.74 19.86
N SER A 213 4.11 -10.00 19.45
CA SER A 213 3.36 -9.03 18.68
C SER A 213 3.03 -7.81 19.53
N GLU A 214 2.83 -7.95 20.84
CA GLU A 214 2.62 -6.79 21.68
C GLU A 214 3.81 -5.84 21.57
N ASN A 215 5.02 -6.40 21.56
CA ASN A 215 6.22 -5.61 21.42
C ASN A 215 6.24 -4.88 20.07
N ALA A 216 5.76 -5.53 19.02
CA ALA A 216 5.77 -4.96 17.67
C ALA A 216 4.75 -3.82 17.55
N LEU A 217 3.62 -3.87 18.28
CA LEU A 217 2.51 -2.95 18.09
C LEU A 217 2.60 -1.70 18.96
N LYS A 218 3.37 -1.74 20.05
CA LYS A 218 3.24 -0.69 21.06
C LYS A 218 3.85 0.64 20.57
N HIS A 219 3.21 1.76 20.98
CA HIS A 219 3.74 3.12 20.89
C HIS A 219 4.14 3.52 19.47
N PRO A 220 3.20 3.42 18.50
CA PRO A 220 3.48 3.85 17.11
C PRO A 220 3.58 5.37 16.95
N LYS A 221 4.36 5.83 15.96
CA LYS A 221 4.45 7.25 15.67
C LYS A 221 3.06 7.79 15.29
N TRP A 222 2.43 7.15 14.29
CA TRP A 222 0.99 7.25 14.09
C TRP A 222 0.48 5.82 14.04
N LYS A 223 -0.73 5.58 14.52
CA LYS A 223 -1.28 4.24 14.55
C LYS A 223 -1.51 3.78 13.12
N MET A 224 -0.80 2.70 12.74
CA MET A 224 -1.05 2.10 11.45
C MET A 224 -1.82 0.85 11.70
N GLY A 225 -2.38 0.30 10.66
CA GLY A 225 -3.06 -0.95 10.79
C GLY A 225 -2.18 -2.08 11.31
N LYS A 226 -2.79 -3.08 11.89
CA LYS A 226 -2.05 -4.14 12.53
C LYS A 226 -1.17 -4.91 11.52
N LYS A 227 -1.66 -5.12 10.31
CA LYS A 227 -0.90 -5.94 9.37
C LYS A 227 0.43 -5.29 8.99
N ILE A 228 0.35 -4.02 8.56
CA ILE A 228 1.56 -3.31 8.18
C ILE A 228 2.47 -3.16 9.38
N THR A 229 1.91 -2.94 10.58
CA THR A 229 2.75 -2.78 11.73
C THR A 229 3.61 -4.02 11.98
N ILE A 230 3.00 -5.21 11.88
CA ILE A 230 3.79 -6.43 12.02
C ILE A 230 4.83 -6.56 10.89
N ASP A 231 4.44 -6.25 9.68
CA ASP A 231 5.41 -6.30 8.57
C ASP A 231 6.57 -5.32 8.75
N SER A 232 6.36 -4.18 9.37
CA SER A 232 7.44 -3.28 9.67
C SER A 232 8.40 -3.94 10.68
N ALA A 233 7.86 -4.63 11.67
CA ALA A 233 8.70 -5.26 12.68
C ALA A 233 9.59 -6.35 12.09
N THR A 234 9.07 -7.14 11.12
CA THR A 234 9.84 -8.21 10.51
C THR A 234 10.69 -7.74 9.34
N MET A 235 10.47 -6.50 8.91
CA MET A 235 11.01 -5.93 7.68
C MET A 235 10.47 -6.64 6.43
N MET A 236 9.46 -7.50 6.57
CA MET A 236 8.78 -7.96 5.37
C MET A 236 8.12 -6.80 4.67
N ASN A 237 7.72 -5.75 5.40
CA ASN A 237 7.19 -4.60 4.70
C ASN A 237 8.17 -4.10 3.66
N LYS A 238 9.44 -3.95 4.04
CA LYS A 238 10.40 -3.45 3.10
C LYS A 238 10.61 -4.45 1.94
N GLY A 239 10.58 -5.78 2.24
CA GLY A 239 10.63 -6.75 1.14
C GLY A 239 9.50 -6.55 0.15
N LEU A 240 8.28 -6.40 0.63
CA LEU A 240 7.14 -6.09 -0.22
C LEU A 240 7.40 -4.82 -1.02
N GLU A 241 7.95 -3.79 -0.34
CA GLU A 241 8.20 -2.52 -1.01
C GLU A 241 9.31 -2.59 -2.05
N VAL A 242 10.24 -3.54 -1.97
CA VAL A 242 11.24 -3.77 -3.01
C VAL A 242 10.53 -4.22 -4.28
N ILE A 243 9.60 -5.20 -4.15
CA ILE A 243 8.84 -5.69 -5.29
C ILE A 243 7.94 -4.59 -5.83
N GLU A 244 7.30 -3.83 -4.93
CA GLU A 244 6.48 -2.71 -5.35
C GLU A 244 7.28 -1.73 -6.20
N THR A 245 8.51 -1.42 -5.77
CA THR A 245 9.40 -0.50 -6.49
C THR A 245 9.67 -1.05 -7.89
N HIS A 246 10.03 -2.34 -7.98
CA HIS A 246 10.31 -2.98 -9.25
C HIS A 246 9.16 -2.75 -10.23
N PHE A 247 7.94 -3.05 -9.78
CA PHE A 247 6.79 -2.96 -10.67
C PHE A 247 6.42 -1.52 -10.97
N LEU A 248 6.33 -0.65 -9.95
CA LEU A 248 5.91 0.73 -10.22
C LEU A 248 6.86 1.45 -11.17
N PHE A 249 8.17 1.28 -10.99
CA PHE A 249 9.17 2.14 -11.59
C PHE A 249 10.05 1.41 -12.59
N ASP A 250 9.82 0.13 -12.83
CA ASP A 250 10.57 -0.64 -13.81
C ASP A 250 12.07 -0.64 -13.51
N VAL A 251 12.39 -0.92 -12.26
CA VAL A 251 13.76 -0.95 -11.76
C VAL A 251 14.14 -2.39 -11.47
N ASP A 252 15.29 -2.81 -11.95
CA ASP A 252 15.80 -4.15 -11.68
C ASP A 252 16.05 -4.34 -10.20
N TYR A 253 15.91 -5.57 -9.69
CA TYR A 253 16.14 -5.83 -8.28
C TYR A 253 17.57 -5.54 -7.87
N ASN A 254 18.53 -5.74 -8.75
CA ASN A 254 19.91 -5.42 -8.43
C ASN A 254 20.15 -3.92 -8.24
N ASP A 255 19.23 -3.11 -8.68
CA ASP A 255 19.31 -1.66 -8.62
C ASP A 255 18.38 -1.10 -7.55
N ILE A 256 17.90 -1.92 -6.61
CA ILE A 256 17.10 -1.45 -5.48
C ILE A 256 17.84 -1.80 -4.22
N GLU A 257 18.21 -0.81 -3.41
CA GLU A 257 19.00 -1.03 -2.21
C GLU A 257 18.20 -0.58 -0.99
N VAL A 258 18.00 -1.47 -0.02
CA VAL A 258 17.31 -1.10 1.21
C VAL A 258 18.33 -0.46 2.16
N ILE A 259 17.94 0.69 2.73
CA ILE A 259 18.77 1.37 3.71
C ILE A 259 17.94 1.69 4.93
N VAL A 260 18.44 1.37 6.11
CA VAL A 260 17.78 1.71 7.35
C VAL A 260 18.16 3.15 7.74
N HIS A 261 17.16 3.99 7.79
CA HIS A 261 17.26 5.42 8.09
C HIS A 261 16.31 5.69 9.25
N LYS A 262 16.82 5.57 10.47
CA LYS A 262 15.92 5.48 11.62
C LYS A 262 15.17 6.77 11.92
N GLU A 263 15.70 7.91 11.47
CA GLU A 263 15.03 9.18 11.74
C GLU A 263 13.83 9.39 10.83
N CYS A 264 13.74 8.67 9.71
CA CYS A 264 12.58 8.75 8.83
C CYS A 264 12.31 10.16 8.32
N ILE A 265 13.39 10.85 7.96
CA ILE A 265 13.29 12.17 7.35
C ILE A 265 13.46 12.08 5.84
N ILE A 266 14.52 11.44 5.36
CA ILE A 266 14.64 11.11 3.94
C ILE A 266 13.75 9.92 3.66
N HIS A 267 12.79 10.05 2.77
CA HIS A 267 11.80 9.01 2.60
C HIS A 267 12.15 8.00 1.54
N SER A 268 13.04 8.34 0.63
CA SER A 268 13.71 7.46 -0.34
C SER A 268 14.43 8.36 -1.34
N CYS A 269 15.24 7.78 -2.19
CA CYS A 269 16.13 8.52 -3.09
C CYS A 269 16.19 7.84 -4.42
N VAL A 270 16.39 8.64 -5.46
CA VAL A 270 16.52 8.18 -6.83
C VAL A 270 17.88 8.58 -7.36
N GLU A 271 18.69 7.61 -7.82
CA GLU A 271 19.92 7.89 -8.53
C GLU A 271 19.63 7.87 -10.01
N PHE A 272 19.92 8.96 -10.71
CA PHE A 272 19.76 9.03 -12.15
C PHE A 272 21.01 8.54 -12.83
N ILE A 273 20.94 8.40 -14.18
CA ILE A 273 22.03 7.79 -14.93
C ILE A 273 23.33 8.56 -14.94
N ASP A 274 23.28 9.85 -14.57
CA ASP A 274 24.48 10.65 -14.42
C ASP A 274 25.15 10.50 -13.03
N LYS A 275 24.47 9.77 -12.14
CA LYS A 275 24.84 9.49 -10.75
C LYS A 275 24.37 10.59 -9.79
N SER A 276 23.70 11.62 -10.26
CA SER A 276 23.05 12.56 -9.37
C SER A 276 21.93 11.85 -8.64
N VAL A 277 21.78 12.15 -7.36
CA VAL A 277 20.70 11.58 -6.54
C VAL A 277 19.73 12.67 -6.09
N ILE A 278 18.46 12.41 -6.19
CA ILE A 278 17.41 13.31 -5.73
C ILE A 278 16.63 12.59 -4.64
N SER A 279 16.30 13.25 -3.55
CA SER A 279 15.57 12.64 -2.46
C SER A 279 14.42 13.53 -2.04
N GLN A 280 13.39 12.94 -1.44
CA GLN A 280 12.30 13.67 -0.80
C GLN A 280 12.39 13.52 0.70
N MET A 281 12.12 14.61 1.40
CA MET A 281 12.31 14.71 2.84
C MET A 281 11.12 15.43 3.46
N TYR A 282 10.76 14.96 4.66
CA TYR A 282 9.76 15.60 5.53
C TYR A 282 9.78 14.84 6.84
N TYR A 283 9.10 15.33 7.89
CA TYR A 283 8.88 14.53 9.07
C TYR A 283 8.17 13.26 8.65
N PRO A 284 8.24 12.21 9.51
CA PRO A 284 7.51 10.98 9.21
C PRO A 284 6.02 11.30 9.24
N ASP A 285 5.27 11.10 8.17
CA ASP A 285 3.89 11.58 8.06
C ASP A 285 3.44 10.82 6.79
N MET A 286 2.14 10.63 6.77
CA MET A 286 1.49 10.19 5.54
C MET A 286 0.62 11.25 4.88
N GLN A 287 0.56 12.45 5.48
CA GLN A 287 -0.28 13.47 4.89
C GLN A 287 0.27 13.97 3.56
N ILE A 288 1.59 14.15 3.42
CA ILE A 288 2.13 14.58 2.15
C ILE A 288 1.96 13.52 1.07
N PRO A 289 2.32 12.25 1.31
CA PRO A 289 2.05 11.25 0.27
C PRO A 289 0.60 11.20 -0.20
N ILE A 290 -0.31 11.23 0.75
CA ILE A 290 -1.73 11.21 0.37
C ILE A 290 -2.10 12.46 -0.43
N LEU A 291 -1.71 13.63 0.06
CA LEU A 291 -2.08 14.86 -0.61
C LEU A 291 -1.49 14.92 -2.01
N TYR A 292 -0.21 14.59 -2.14
CA TYR A 292 0.44 14.64 -3.44
C TYR A 292 -0.24 13.72 -4.46
N SER A 293 -0.69 12.54 -4.00
CA SER A 293 -1.37 11.65 -4.92
C SER A 293 -2.63 12.28 -5.50
N LEU A 294 -3.28 13.14 -4.71
CA LEU A 294 -4.51 13.80 -5.16
C LEU A 294 -4.25 15.13 -5.89
N THR A 295 -3.08 15.73 -5.77
CA THR A 295 -2.81 17.02 -6.45
C THR A 295 -1.94 16.85 -7.68
N TRP A 296 -1.15 15.77 -7.75
CA TRP A 296 -0.23 15.55 -8.87
C TRP A 296 -0.98 15.80 -10.16
N PRO A 297 -0.38 16.48 -11.16
CA PRO A 297 0.99 16.95 -11.21
C PRO A 297 1.32 18.28 -10.56
N ASP A 298 0.39 18.81 -9.79
CA ASP A 298 0.61 20.06 -9.09
C ASP A 298 0.88 19.81 -7.61
N ARG A 299 1.19 20.89 -6.91
CA ARG A 299 1.24 20.96 -5.47
C ARG A 299 0.38 22.13 -4.99
N ILE A 300 -0.21 22.00 -3.82
CA ILE A 300 -1.01 23.07 -3.28
C ILE A 300 -0.45 23.50 -1.92
N LYS A 301 -0.84 24.70 -1.49
CA LYS A 301 -0.42 25.22 -0.22
C LYS A 301 -0.98 24.43 0.94
N THR A 302 -0.14 24.13 1.94
CA THR A 302 -0.62 23.60 3.21
C THR A 302 -0.04 24.44 4.36
N ASN A 303 -0.51 24.15 5.56
CA ASN A 303 0.04 24.77 6.76
C ASN A 303 0.71 23.73 7.63
N LEU A 304 1.26 22.67 7.00
CA LEU A 304 1.99 21.67 7.74
C LEU A 304 3.22 22.28 8.42
N LYS A 305 3.60 21.65 9.51
CA LYS A 305 4.80 22.02 10.26
C LYS A 305 6.01 22.00 9.34
N PRO A 306 6.81 23.06 9.24
CA PRO A 306 7.95 23.05 8.30
C PRO A 306 9.05 22.16 8.84
N LEU A 307 9.71 21.45 7.91
CA LEU A 307 10.94 20.73 8.22
C LEU A 307 12.01 21.70 8.67
N ASP A 308 12.75 21.33 9.73
CA ASP A 308 13.80 22.17 10.31
C ASP A 308 15.02 21.32 10.48
N LEU A 309 16.01 21.51 9.56
CA LEU A 309 17.17 20.63 9.54
C LEU A 309 18.10 20.79 10.73
N ALA A 310 18.24 22.00 11.25
CA ALA A 310 19.04 22.16 12.46
C ALA A 310 18.39 21.43 13.63
N GLN A 311 17.05 21.40 13.67
CA GLN A 311 16.32 20.69 14.71
C GLN A 311 16.57 19.19 14.61
N VAL A 312 16.50 18.67 13.38
CA VAL A 312 16.76 17.27 13.13
C VAL A 312 18.18 16.87 13.55
N SER A 313 19.13 17.72 13.13
CA SER A 313 20.54 17.67 13.50
C SER A 313 21.35 16.54 12.82
N THR A 314 20.89 15.31 12.91
CA THR A 314 21.63 14.14 12.42
C THR A 314 20.69 13.21 11.67
N LEU A 315 21.15 12.73 10.52
CA LEU A 315 20.48 11.71 9.73
C LEU A 315 21.44 10.54 9.61
N THR A 316 20.96 9.31 9.81
CA THR A 316 21.83 8.15 9.80
C THR A 316 21.35 7.10 8.81
N PHE A 317 22.28 6.29 8.31
CA PHE A 317 22.00 5.28 7.30
C PHE A 317 22.83 4.05 7.61
N HIS A 318 22.20 2.88 7.60
CA HIS A 318 22.95 1.63 7.71
C HIS A 318 22.25 0.54 6.94
N LYS A 319 22.99 -0.50 6.59
CA LYS A 319 22.38 -1.63 5.92
C LYS A 319 21.66 -2.51 6.91
N PRO A 320 20.51 -3.09 6.57
CA PRO A 320 19.86 -4.05 7.46
C PRO A 320 20.61 -5.38 7.48
N SER A 321 20.59 -6.02 8.63
CA SER A 321 21.13 -7.37 8.77
C SER A 321 20.12 -8.39 8.26
N LEU A 322 20.48 -9.18 7.24
CA LEU A 322 19.63 -10.21 6.67
C LEU A 322 19.51 -11.40 7.60
N GLU A 323 20.45 -11.57 8.53
CA GLU A 323 20.32 -12.62 9.55
C GLU A 323 19.20 -12.29 10.51
N HIS A 324 19.11 -11.02 10.92
CA HIS A 324 18.07 -10.56 11.82
C HIS A 324 16.71 -10.40 11.14
N PHE A 325 16.74 -10.06 9.86
CA PHE A 325 15.55 -9.72 9.07
C PHE A 325 15.51 -10.57 7.79
N PRO A 326 15.40 -11.92 7.94
CA PRO A 326 15.43 -12.82 6.79
C PRO A 326 14.30 -12.63 5.81
N CYS A 327 13.23 -11.98 6.21
CA CYS A 327 12.14 -11.73 5.28
C CYS A 327 12.61 -10.90 4.09
N ILE A 328 13.58 -9.97 4.30
CA ILE A 328 14.02 -9.15 3.19
C ILE A 328 14.58 -9.99 2.06
N LYS A 329 15.44 -10.94 2.43
CA LYS A 329 16.08 -11.79 1.44
C LYS A 329 15.05 -12.66 0.71
N LEU A 330 14.05 -13.16 1.44
CA LEU A 330 13.00 -13.96 0.81
C LEU A 330 12.29 -13.14 -0.24
N ALA A 331 12.00 -11.87 0.03
CA ALA A 331 11.32 -10.99 -0.92
C ALA A 331 12.16 -10.77 -2.17
N TYR A 332 13.46 -10.47 -2.01
CA TYR A 332 14.32 -10.35 -3.18
C TYR A 332 14.33 -11.65 -3.99
N GLN A 333 14.45 -12.79 -3.30
CA GLN A 333 14.52 -14.05 -4.04
C GLN A 333 13.25 -14.29 -4.83
N ALA A 334 12.10 -14.04 -4.22
CA ALA A 334 10.83 -14.18 -4.89
C ALA A 334 10.68 -13.23 -6.08
N GLY A 335 11.07 -11.96 -5.87
CA GLY A 335 10.98 -10.98 -6.94
C GLY A 335 11.85 -11.36 -8.11
N ILE A 336 13.06 -11.80 -7.84
CA ILE A 336 14.01 -12.16 -8.89
C ILE A 336 13.50 -13.36 -9.65
N LYS A 337 12.93 -14.35 -8.96
CA LYS A 337 12.37 -15.50 -9.66
C LYS A 337 11.19 -15.10 -10.51
N GLY A 338 10.43 -14.11 -10.11
CA GLY A 338 9.32 -13.62 -10.89
C GLY A 338 8.20 -14.65 -10.94
N ASN A 339 7.52 -14.71 -12.09
CA ASN A 339 6.38 -15.59 -12.26
C ASN A 339 5.40 -15.28 -11.15
N PHE A 340 4.85 -16.26 -10.47
CA PHE A 340 3.91 -16.04 -9.40
C PHE A 340 4.56 -16.13 -8.02
N TYR A 341 5.90 -16.17 -7.95
CA TYR A 341 6.55 -16.21 -6.65
C TYR A 341 6.19 -15.00 -5.76
N PRO A 342 6.06 -13.77 -6.30
CA PRO A 342 5.61 -12.67 -5.45
C PRO A 342 4.21 -12.89 -4.89
N THR A 343 3.31 -13.47 -5.70
CA THR A 343 1.98 -13.83 -5.19
C THR A 343 2.08 -14.76 -3.97
N VAL A 344 2.94 -15.78 -4.11
CA VAL A 344 3.15 -16.75 -3.07
C VAL A 344 3.74 -16.13 -1.80
N LEU A 345 4.75 -15.27 -2.03
CA LEU A 345 5.37 -14.51 -0.94
C LEU A 345 4.31 -13.72 -0.16
N ASN A 346 3.49 -12.98 -0.88
CA ASN A 346 2.50 -12.13 -0.21
C ASN A 346 1.54 -12.99 0.58
N ALA A 347 1.04 -14.06 -0.03
CA ALA A 347 0.00 -14.88 0.58
C ALA A 347 0.50 -15.59 1.82
N SER A 348 1.69 -16.21 1.70
CA SER A 348 2.26 -16.92 2.84
C SER A 348 2.50 -15.94 3.98
N ASN A 349 3.00 -14.72 3.63
CA ASN A 349 3.23 -13.72 4.67
C ASN A 349 1.90 -13.31 5.31
N GLU A 350 0.83 -13.16 4.54
CA GLU A 350 -0.45 -12.82 5.19
C GLU A 350 -0.78 -13.80 6.31
N ILE A 351 -0.62 -15.09 6.06
CA ILE A 351 -0.86 -16.09 7.09
C ILE A 351 0.15 -16.00 8.22
N ALA A 352 1.45 -15.96 7.92
CA ALA A 352 2.45 -15.96 8.96
C ALA A 352 2.34 -14.71 9.86
N ASN A 353 2.14 -13.54 9.23
CA ASN A 353 1.93 -12.28 9.96
C ASN A 353 0.78 -12.47 10.96
N ASN A 354 -0.36 -12.96 10.48
CA ASN A 354 -1.54 -13.12 11.35
C ASN A 354 -1.30 -14.14 12.47
N LEU A 355 -0.55 -15.20 12.20
CA LEU A 355 -0.23 -16.17 13.23
C LEU A 355 0.60 -15.50 14.31
N PHE A 356 1.62 -14.71 13.94
CA PHE A 356 2.46 -14.06 14.92
C PHE A 356 1.65 -13.00 15.67
N LEU A 357 0.80 -12.24 14.97
CA LEU A 357 -0.05 -11.24 15.59
C LEU A 357 -0.85 -11.87 16.73
N ASN A 358 -1.38 -13.06 16.48
CA ASN A 358 -2.26 -13.77 17.43
C ASN A 358 -1.46 -14.73 18.31
N ASN A 359 -0.13 -14.56 18.46
CA ASN A 359 0.69 -15.24 19.45
C ASN A 359 0.69 -16.76 19.23
N LYS A 360 0.64 -17.20 17.98
CA LYS A 360 0.62 -18.62 17.68
C LYS A 360 1.97 -19.18 17.29
N ILE A 361 2.83 -18.30 16.74
CA ILE A 361 4.17 -18.67 16.29
C ILE A 361 5.16 -17.61 16.77
N LYS A 362 6.43 -17.97 16.71
CA LYS A 362 7.50 -17.06 17.06
C LYS A 362 8.05 -16.31 15.84
N TYR A 363 8.86 -15.30 16.12
CA TYR A 363 9.40 -14.38 15.11
C TYR A 363 10.04 -15.15 13.94
N PHE A 364 10.99 -16.04 14.22
CA PHE A 364 11.71 -16.71 13.15
C PHE A 364 10.86 -17.78 12.45
N ASP A 365 9.70 -18.14 13.03
CA ASP A 365 8.78 -19.02 12.36
C ASP A 365 8.11 -18.31 11.19
N ILE A 366 8.05 -16.97 11.23
CA ILE A 366 7.42 -16.23 10.15
C ILE A 366 8.17 -16.50 8.85
N SER A 367 9.46 -16.20 8.86
CA SER A 367 10.33 -16.43 7.73
C SER A 367 10.45 -17.91 7.38
N SER A 368 10.44 -18.79 8.38
CA SER A 368 10.50 -20.23 8.09
C SER A 368 9.30 -20.68 7.29
N ILE A 369 8.10 -20.28 7.69
CA ILE A 369 6.90 -20.64 6.97
C ILE A 369 6.92 -20.10 5.55
N ILE A 370 7.25 -18.82 5.40
CA ILE A 370 7.28 -18.20 4.08
C ILE A 370 8.29 -18.89 3.18
N SER A 371 9.48 -19.15 3.70
CA SER A 371 10.50 -19.85 2.95
C SER A 371 10.06 -21.23 2.47
N GLN A 372 9.39 -21.95 3.35
CA GLN A 372 8.95 -23.29 2.97
C GLN A 372 7.88 -23.22 1.90
N VAL A 373 6.98 -22.26 1.94
CA VAL A 373 5.94 -22.15 0.94
C VAL A 373 6.60 -21.83 -0.39
N LEU A 374 7.50 -20.83 -0.41
CA LEU A 374 8.22 -20.49 -1.64
C LEU A 374 8.95 -21.68 -2.24
N GLU A 375 9.64 -22.48 -1.39
CA GLU A 375 10.37 -23.62 -1.94
C GLU A 375 9.42 -24.68 -2.52
N SER A 376 8.19 -24.74 -2.04
CA SER A 376 7.23 -25.75 -2.48
C SER A 376 6.60 -25.37 -3.81
N PHE A 377 6.60 -24.09 -4.23
CA PHE A 377 5.91 -23.60 -5.40
C PHE A 377 6.74 -23.86 -6.65
N ASN A 378 6.07 -24.20 -7.76
CA ASN A 378 6.68 -24.38 -9.05
C ASN A 378 6.06 -23.40 -10.04
N SER A 379 6.92 -22.77 -10.82
CA SER A 379 6.45 -21.78 -11.79
C SER A 379 5.33 -22.35 -12.67
N GLN A 380 4.36 -21.53 -13.04
CA GLN A 380 3.29 -21.92 -13.97
C GLN A 380 3.35 -21.06 -15.20
N LYS A 381 2.84 -21.57 -16.33
CA LYS A 381 2.71 -20.68 -17.47
C LYS A 381 1.69 -19.60 -17.17
N VAL A 382 2.03 -18.38 -17.56
CA VAL A 382 1.20 -17.23 -17.25
C VAL A 382 0.06 -17.14 -18.26
N SER A 383 -1.18 -17.18 -17.77
CA SER A 383 -2.38 -17.06 -18.59
C SER A 383 -2.29 -15.81 -19.46
N GLU A 384 -2.80 -15.95 -20.68
CA GLU A 384 -2.59 -14.95 -21.70
C GLU A 384 -3.77 -13.97 -21.76
N ASN A 385 -4.87 -14.40 -21.19
CA ASN A 385 -6.13 -13.69 -21.10
C ASN A 385 -6.25 -13.07 -19.71
N SER A 386 -6.67 -11.79 -19.64
CA SER A 386 -6.76 -11.10 -18.36
C SER A 386 -7.66 -11.83 -17.36
N GLU A 387 -8.82 -12.29 -17.77
CA GLU A 387 -9.74 -12.97 -16.87
C GLU A 387 -9.13 -14.26 -16.30
N ASP A 388 -8.51 -15.07 -17.16
CA ASP A 388 -7.88 -16.30 -16.70
C ASP A 388 -6.69 -15.99 -15.78
N LEU A 389 -5.97 -14.93 -16.12
CA LEU A 389 -4.82 -14.52 -15.30
C LEU A 389 -5.23 -14.12 -13.89
N MET A 390 -6.32 -13.40 -13.74
CA MET A 390 -6.86 -13.12 -12.42
C MET A 390 -7.26 -14.40 -11.68
N LYS A 391 -7.94 -15.36 -12.37
CA LYS A 391 -8.29 -16.60 -11.71
C LYS A 391 -7.06 -17.38 -11.21
N GLN A 392 -6.02 -17.36 -12.02
CA GLN A 392 -4.77 -18.04 -11.71
C GLN A 392 -4.09 -17.38 -10.50
N ILE A 393 -4.08 -16.03 -10.44
CA ILE A 393 -3.55 -15.32 -9.26
C ILE A 393 -4.33 -15.69 -8.01
N LEU A 394 -5.68 -15.69 -8.09
CA LEU A 394 -6.50 -16.03 -6.96
C LEU A 394 -6.24 -17.47 -6.46
N GLN A 395 -6.15 -18.41 -7.42
CA GLN A 395 -5.93 -19.79 -7.05
C GLN A 395 -4.58 -19.99 -6.35
N ILE A 396 -3.53 -19.38 -6.92
CA ILE A 396 -2.19 -19.48 -6.34
C ILE A 396 -2.12 -18.79 -4.96
N HIS A 397 -2.76 -17.63 -4.85
CA HIS A 397 -2.80 -16.92 -3.55
C HIS A 397 -3.46 -17.79 -2.50
N SER A 398 -4.63 -18.39 -2.88
CA SER A 398 -5.35 -19.23 -1.94
C SER A 398 -4.59 -20.49 -1.55
N TRP A 399 -3.97 -21.15 -2.56
CA TRP A 399 -3.15 -22.31 -2.29
C TRP A 399 -2.04 -21.95 -1.29
N ALA A 400 -1.35 -20.81 -1.54
CA ALA A 400 -0.19 -20.45 -0.73
C ALA A 400 -0.62 -20.14 0.70
N LYS A 401 -1.80 -19.53 0.90
CA LYS A 401 -2.34 -19.34 2.25
C LYS A 401 -2.60 -20.68 2.91
N ASP A 402 -3.21 -21.61 2.13
CA ASP A 402 -3.53 -22.92 2.67
C ASP A 402 -2.28 -23.69 3.02
N LYS A 403 -1.23 -23.54 2.17
CA LYS A 403 0.04 -24.23 2.38
C LYS A 403 0.71 -23.72 3.66
N ALA A 404 0.72 -22.38 3.84
CA ALA A 404 1.25 -21.80 5.08
C ALA A 404 0.53 -22.33 6.31
N THR A 405 -0.79 -22.31 6.26
CA THR A 405 -1.58 -22.82 7.38
C THR A 405 -1.29 -24.31 7.62
N ASP A 406 -1.11 -25.08 6.55
CA ASP A 406 -0.83 -26.49 6.69
C ASP A 406 0.50 -26.73 7.37
N ILE A 407 1.53 -25.93 7.04
CA ILE A 407 2.85 -26.03 7.66
C ILE A 407 2.74 -25.71 9.15
N TYR A 408 2.01 -24.65 9.47
CA TYR A 408 1.73 -24.31 10.86
C TYR A 408 1.07 -25.50 11.58
N ASN A 409 -0.03 -26.01 11.01
CA ASN A 409 -0.82 -27.11 11.58
C ASN A 409 0.06 -28.33 11.84
N LYS A 410 1.04 -28.58 10.98
CA LYS A 410 1.87 -29.78 11.03
C LYS A 410 2.91 -29.69 12.15
N HIS A 411 3.53 -28.53 12.34
CA HIS A 411 4.56 -28.39 13.37
C HIS A 411 3.93 -28.38 14.76
N ASN A 412 2.62 -28.09 14.83
CA ASN A 412 1.83 -28.27 16.04
C ASN A 412 1.43 -29.74 16.28
PA NDP B . -6.18 -0.56 8.46
O1A NDP B . -6.24 -1.90 9.00
O2A NDP B . -5.94 0.60 9.37
O5B NDP B . -7.41 -0.21 7.60
C5B NDP B . -7.99 -1.07 6.59
C4B NDP B . -9.21 -0.42 6.02
O4B NDP B . -9.69 -1.26 4.93
C3B NDP B . -10.40 -0.29 7.00
O3B NDP B . -11.11 0.89 6.68
C2B NDP B . -11.15 -1.57 6.67
O2B NDP B . -12.55 -1.43 7.01
C1B NDP B . -11.07 -1.55 5.16
N9A NDP B . -11.40 -2.80 4.50
C8A NDP B . -10.93 -4.06 4.76
N7A NDP B . -11.49 -4.96 3.95
C5A NDP B . -12.32 -4.24 3.13
C6A NDP B . -13.25 -4.59 2.12
N6A NDP B . -13.41 -5.84 1.69
N1A NDP B . -13.91 -3.61 1.49
C2A NDP B . -13.78 -2.35 1.91
N3A NDP B . -13.01 -1.89 2.90
C4A NDP B . -12.32 -2.88 3.46
O3 NDP B . -4.96 -0.61 7.35
PN NDP B . -3.96 0.58 6.93
O1N NDP B . -4.70 1.79 6.69
O2N NDP B . -2.85 0.59 7.85
O5D NDP B . -3.40 -0.03 5.54
C5D NDP B . -4.14 0.05 4.35
C4D NDP B . -3.21 -0.26 3.22
O4D NDP B . -2.30 0.89 3.10
C3D NDP B . -2.35 -1.50 3.41
O3D NDP B . -2.32 -2.17 2.15
C2D NDP B . -1.00 -0.92 3.82
O2D NDP B . 0.10 -1.70 3.40
C1D NDP B . -0.99 0.41 3.10
N1N NDP B . -0.14 1.44 3.77
C2N NDP B . -0.48 1.93 5.01
C3N NDP B . 0.28 2.88 5.68
C7N NDP B . -0.21 3.53 6.87
O7N NDP B . 0.31 4.61 7.24
N7N NDP B . -1.15 3.00 7.62
C4N NDP B . 1.60 3.28 5.11
C5N NDP B . 1.79 2.84 3.74
C6N NDP B . 1.04 1.88 3.16
P2B NDP B . -13.09 -1.77 8.53
O1X NDP B . -12.73 -0.59 9.35
O2X NDP B . -12.49 -2.98 9.00
O3X NDP B . -14.63 -1.84 8.28
MN MN C . 6.00 2.37 2.94
N1 A1L2H D . 5.10 3.71 5.27
C4 A1L2H D . 7.73 5.14 9.84
C5 A1L2H D . 7.44 3.92 10.44
C6 A1L2H D . 7.41 2.80 9.58
C7 A1L2H D . 7.38 6.33 11.91
C8 A1L2H D . 8.55 5.98 12.67
C10 A1L2H D . 10.26 7.26 13.95
C13 A1L2H D . 7.59 1.66 7.33
C15 A1L2H D . 5.10 2.44 5.61
O6 A1L2H D . 5.31 1.58 4.69
C16 A1L2H D . 4.84 4.87 6.13
O5 A1L2H D . 5.34 4.04 3.96
C14 A1L2H D . 4.91 1.98 7.02
S1 A1L2H D . 6.09 0.73 7.56
P1 A1L2H D . 9.09 0.58 7.51
O4 A1L2H D . 8.77 -0.68 6.73
O3 A1L2H D . 10.25 1.37 6.89
O2 A1L2H D . 9.33 0.30 8.96
C1 A1L2H D . 7.69 2.90 8.24
C3 A1L2H D . 7.99 5.28 8.54
C2 A1L2H D . 7.96 4.16 7.71
O1 A1L2H D . 7.78 6.34 10.58
C9 A1L2H D . 9.18 7.37 12.91
C11 A1L2H D . 11.13 8.54 13.95
C12 A1L2H D . 10.50 9.69 14.73
C1 GOL E . 12.11 5.51 6.38
O1 GOL E . 13.44 5.92 6.58
C2 GOL E . 11.40 6.42 5.41
O2 GOL E . 11.59 7.75 5.84
C3 GOL E . 9.92 6.09 5.28
O3 GOL E . 9.31 6.92 4.31
#